data_4PN9
#
_entry.id   4PN9
#
_cell.length_a   59.320
_cell.length_b   125.530
_cell.length_c   58.150
_cell.angle_alpha   90.00
_cell.angle_beta   90.00
_cell.angle_gamma   90.00
#
_symmetry.space_group_name_H-M   'C 2 2 21'
#
loop_
_entity.id
_entity.type
_entity.pdbx_description
1 polymer CC-Hex2
2 non-polymer '4-(2-HYDROXYETHYL)-1-PIPERAZINE ETHANESULFONIC ACID'
3 water water
#
_entity_poly.entity_id   1
_entity_poly.type   'polypeptide(L)'
_entity_poly.pdbx_seq_one_letter_code
;(ACE)GEIAKSLKEIAKSLKEIAWSLKEIAKSLKG
;
_entity_poly.pdbx_strand_id   A,B,C,D,E,F
#
# COMPACT_ATOMS: atom_id res chain seq x y z
N GLY A 2 0.64 -19.97 -13.32
CA GLY A 2 1.67 -19.19 -13.98
C GLY A 2 1.47 -17.68 -13.88
N GLU A 3 0.38 -17.16 -14.41
CA GLU A 3 0.13 -15.71 -14.43
C GLU A 3 0.11 -15.13 -13.01
N ILE A 4 -0.43 -15.91 -12.09
CA ILE A 4 -0.51 -15.51 -10.70
C ILE A 4 0.88 -15.21 -10.12
N ALA A 5 1.83 -16.10 -10.36
CA ALA A 5 3.21 -15.91 -9.89
C ALA A 5 3.86 -14.66 -10.47
N LYS A 6 3.71 -14.45 -11.78
CA LYS A 6 4.30 -13.28 -12.42
C LYS A 6 3.72 -12.01 -11.84
N SER A 7 2.41 -11.97 -11.64
CA SER A 7 1.79 -10.79 -11.05
C SER A 7 2.40 -10.54 -9.67
N LEU A 8 2.57 -11.61 -8.90
CA LEU A 8 3.15 -11.49 -7.56
C LEU A 8 4.62 -11.04 -7.58
N LYS A 9 5.37 -11.44 -8.60
CA LYS A 9 6.74 -10.99 -8.69
C LYS A 9 6.79 -9.50 -9.06
N GLU A 10 5.86 -9.06 -9.88
CA GLU A 10 5.74 -7.62 -10.21
C GLU A 10 5.26 -6.83 -9.01
N ILE A 11 4.32 -7.42 -8.28
CA ILE A 11 3.85 -6.78 -7.06
C ILE A 11 5.03 -6.62 -6.10
N ALA A 12 5.84 -7.66 -5.97
CA ALA A 12 7.00 -7.63 -5.10
C ALA A 12 7.96 -6.49 -5.45
N LYS A 13 8.22 -6.30 -6.73
CA LYS A 13 9.15 -5.25 -7.15
C LYS A 13 8.61 -3.86 -6.94
N SER A 14 7.32 -3.68 -7.20
CA SER A 14 6.71 -2.38 -6.96
C SER A 14 6.77 -2.02 -5.48
N LEU A 15 6.54 -2.99 -4.60
CA LEU A 15 6.57 -2.71 -3.16
C LEU A 15 7.98 -2.33 -2.70
N LYS A 16 8.99 -2.93 -3.32
CA LYS A 16 10.37 -2.53 -3.06
C LYS A 16 10.63 -1.09 -3.45
N GLU A 17 10.10 -0.67 -4.59
CA GLU A 17 10.25 0.72 -5.03
C GLU A 17 9.53 1.62 -4.06
N ILE A 18 8.33 1.22 -3.69
CA ILE A 18 7.53 1.98 -2.74
C ILE A 18 8.22 2.12 -1.37
N ALA A 19 8.80 1.04 -0.86
CA ALA A 19 9.57 1.08 0.39
C ALA A 19 10.71 2.09 0.35
N TRP A 20 11.47 2.06 -0.73
CA TRP A 20 12.60 2.96 -0.88
C TRP A 20 12.14 4.41 -0.89
N SER A 21 11.10 4.71 -1.67
CA SER A 21 10.56 6.06 -1.72
C SER A 21 10.08 6.54 -0.34
N LEU A 22 9.43 5.68 0.42
CA LEU A 22 9.00 6.09 1.75
C LEU A 22 10.21 6.31 2.69
N LYS A 23 11.29 5.55 2.50
CA LYS A 23 12.54 5.82 3.23
C LYS A 23 13.00 7.22 2.95
N GLU A 24 12.99 7.58 1.66
CA GLU A 24 13.41 8.89 1.23
C GLU A 24 12.53 9.98 1.82
N ILE A 25 11.23 9.75 1.78
CA ILE A 25 10.26 10.72 2.30
C ILE A 25 10.48 10.87 3.80
N ALA A 26 10.68 9.75 4.47
CA ALA A 26 10.91 9.78 5.90
C ALA A 26 12.14 10.61 6.21
N LYS A 27 13.20 10.45 5.42
CA LYS A 27 14.43 11.19 5.69
C LYS A 27 14.18 12.69 5.56
N SER A 28 13.48 13.09 4.50
CA SER A 28 13.25 14.52 4.27
C SER A 28 12.37 15.17 5.32
N LEU A 29 11.41 14.42 5.87
CA LEU A 29 10.50 15.02 6.82
C LEU A 29 11.15 15.17 8.20
N LYS A 30 12.27 14.50 8.39
CA LYS A 30 13.04 14.65 9.62
C LYS A 30 13.93 15.89 9.55
N GLY B 2 -9.60 -17.56 -13.33
CA GLY B 2 -9.43 -16.48 -14.28
C GLY B 2 -9.53 -15.13 -13.58
N GLU B 3 -10.63 -14.94 -12.86
CA GLU B 3 -10.89 -13.69 -12.16
C GLU B 3 -9.80 -13.36 -11.14
N ILE B 4 -9.28 -14.37 -10.43
CA ILE B 4 -8.17 -14.11 -9.49
C ILE B 4 -6.96 -13.53 -10.23
N ALA B 5 -6.62 -14.14 -11.37
CA ALA B 5 -5.50 -13.68 -12.17
C ALA B 5 -5.68 -12.25 -12.63
N LYS B 6 -6.89 -11.93 -13.06
CA LYS B 6 -7.22 -10.60 -13.55
C LYS B 6 -7.08 -9.55 -12.46
N SER B 7 -7.60 -9.85 -11.27
CA SER B 7 -7.50 -8.95 -10.13
C SER B 7 -6.05 -8.69 -9.75
N LEU B 8 -5.24 -9.74 -9.76
CA LEU B 8 -3.84 -9.57 -9.43
C LEU B 8 -3.13 -8.68 -10.46
N LYS B 9 -3.51 -8.78 -11.74
CA LYS B 9 -2.85 -7.93 -12.73
C LYS B 9 -3.23 -6.47 -12.54
N GLU B 10 -4.48 -6.22 -12.16
CA GLU B 10 -4.88 -4.86 -11.88
C GLU B 10 -4.21 -4.35 -10.62
N ILE B 11 -4.02 -5.23 -9.65
CA ILE B 11 -3.28 -4.89 -8.45
C ILE B 11 -1.86 -4.48 -8.83
N ALA B 12 -1.22 -5.27 -9.68
CA ALA B 12 0.15 -4.96 -10.12
C ALA B 12 0.25 -3.60 -10.81
N LYS B 13 -0.71 -3.27 -11.67
CA LYS B 13 -0.66 -1.99 -12.39
C LYS B 13 -0.88 -0.81 -11.47
N SER B 14 -1.80 -0.96 -10.52
CA SER B 14 -2.05 0.08 -9.54
C SER B 14 -0.81 0.34 -8.70
N LEU B 15 -0.11 -0.73 -8.32
CA LEU B 15 1.11 -0.57 -7.51
C LEU B 15 2.20 0.15 -8.28
N LYS B 16 2.22 -0.04 -9.61
CA LYS B 16 3.13 0.72 -10.47
C LYS B 16 2.82 2.21 -10.46
N GLU B 17 1.53 2.56 -10.52
CA GLU B 17 1.14 3.96 -10.49
C GLU B 17 1.52 4.57 -9.16
N ILE B 18 1.25 3.84 -8.10
CA ILE B 18 1.58 4.26 -6.72
C ILE B 18 3.09 4.48 -6.56
N ALA B 19 3.88 3.55 -7.08
CA ALA B 19 5.34 3.71 -7.09
C ALA B 19 5.74 5.01 -7.81
N TRP B 20 5.12 5.27 -8.94
CA TRP B 20 5.43 6.47 -9.70
C TRP B 20 5.09 7.73 -8.89
N SER B 21 3.92 7.74 -8.27
CA SER B 21 3.49 8.87 -7.45
C SER B 21 4.41 9.14 -6.28
N LEU B 22 4.79 8.07 -5.59
CA LEU B 22 5.66 8.21 -4.43
C LEU B 22 7.04 8.74 -4.83
N LYS B 23 7.50 8.39 -6.03
CA LYS B 23 8.74 8.97 -6.54
C LYS B 23 8.61 10.49 -6.68
N GLU B 24 7.51 10.95 -7.26
CA GLU B 24 7.25 12.38 -7.42
C GLU B 24 7.16 13.10 -6.10
N ILE B 25 6.49 12.48 -5.14
CA ILE B 25 6.37 13.03 -3.80
C ILE B 25 7.74 13.17 -3.13
N ALA B 26 8.56 12.13 -3.25
CA ALA B 26 9.90 12.17 -2.66
C ALA B 26 10.73 13.35 -3.22
N LYS B 27 10.65 13.57 -4.53
CA LYS B 27 11.42 14.63 -5.16
C LYS B 27 11.02 16.02 -4.67
N SER B 28 9.72 16.27 -4.54
CA SER B 28 9.24 17.59 -4.12
C SER B 28 9.57 17.87 -2.65
N LEU B 29 9.67 16.83 -1.84
CA LEU B 29 9.97 16.98 -0.42
C LEU B 29 11.45 17.24 -0.15
N LYS B 30 12.28 17.08 -1.17
CA LYS B 30 13.71 17.36 -1.03
C LYS B 30 13.98 18.86 -1.11
N GLY C 2 -14.22 -17.87 -4.65
CA GLY C 2 -15.42 -17.14 -4.33
C GLY C 2 -15.13 -15.93 -3.47
N GLU C 3 -15.04 -16.15 -2.16
CA GLU C 3 -14.79 -15.07 -1.20
C GLU C 3 -13.43 -14.45 -1.49
N ILE C 4 -12.47 -15.28 -1.86
CA ILE C 4 -11.14 -14.80 -2.22
C ILE C 4 -11.21 -13.84 -3.39
N ALA C 5 -11.95 -14.23 -4.42
CA ALA C 5 -12.14 -13.37 -5.58
C ALA C 5 -12.82 -12.06 -5.19
N LYS C 6 -13.85 -12.10 -4.36
CA LYS C 6 -14.50 -10.83 -3.99
C LYS C 6 -13.48 -9.95 -3.28
N SER C 7 -12.73 -10.55 -2.36
CA SER C 7 -11.71 -9.82 -1.62
C SER C 7 -10.61 -9.25 -2.52
N LEU C 8 -10.15 -10.01 -3.50
CA LEU C 8 -9.14 -9.48 -4.42
C LEU C 8 -9.67 -8.31 -5.28
N LYS C 9 -10.96 -8.33 -5.61
CA LYS C 9 -11.51 -7.22 -6.38
C LYS C 9 -11.69 -5.97 -5.52
N GLU C 10 -12.03 -6.12 -4.25
CA GLU C 10 -12.18 -4.95 -3.41
C GLU C 10 -10.80 -4.33 -3.24
N ILE C 11 -9.81 -5.21 -3.09
CA ILE C 11 -8.42 -4.80 -2.97
C ILE C 11 -7.97 -4.04 -4.21
N ALA C 12 -8.27 -4.61 -5.36
CA ALA C 12 -7.97 -4.01 -6.65
C ALA C 12 -8.61 -2.63 -6.77
N LYS C 13 -9.84 -2.52 -6.30
CA LYS C 13 -10.57 -1.26 -6.31
C LYS C 13 -9.98 -0.24 -5.37
N SER C 14 -9.62 -0.68 -4.18
CA SER C 14 -9.01 0.20 -3.19
C SER C 14 -7.68 0.76 -3.68
N LEU C 15 -6.90 -0.09 -4.32
CA LEU C 15 -5.61 0.34 -4.82
C LEU C 15 -5.74 1.35 -5.97
N LYS C 16 -6.80 1.23 -6.76
CA LYS C 16 -7.05 2.25 -7.77
C LYS C 16 -7.28 3.60 -7.12
N GLU C 17 -8.06 3.59 -6.05
CA GLU C 17 -8.36 4.80 -5.30
C GLU C 17 -7.12 5.36 -4.64
N ILE C 18 -6.35 4.46 -4.05
CA ILE C 18 -5.10 4.84 -3.40
C ILE C 18 -4.18 5.49 -4.40
N ALA C 19 -4.10 4.89 -5.58
CA ALA C 19 -3.32 5.44 -6.69
C ALA C 19 -3.81 6.84 -7.05
N TRP C 20 -5.11 7.03 -7.16
CA TRP C 20 -5.62 8.34 -7.52
C TRP C 20 -5.28 9.39 -6.47
N SER C 21 -5.50 9.05 -5.20
CA SER C 21 -5.20 9.97 -4.10
C SER C 21 -3.71 10.35 -4.02
N LEU C 22 -2.83 9.37 -4.17
CA LEU C 22 -1.39 9.64 -4.13
C LEU C 22 -0.96 10.54 -5.28
N LYS C 23 -1.61 10.38 -6.43
CA LYS C 23 -1.41 11.29 -7.57
C LYS C 23 -1.82 12.72 -7.20
N GLU C 24 -2.98 12.89 -6.57
CA GLU C 24 -3.41 14.23 -6.13
C GLU C 24 -2.43 14.82 -5.13
N ILE C 25 -1.95 13.99 -4.22
CA ILE C 25 -0.97 14.43 -3.24
C ILE C 25 0.33 14.85 -3.92
N ALA C 26 0.78 14.04 -4.86
CA ALA C 26 1.99 14.36 -5.61
C ALA C 26 1.82 15.72 -6.28
N LYS C 27 0.64 15.96 -6.84
CA LYS C 27 0.37 17.20 -7.55
C LYS C 27 0.38 18.42 -6.61
N SER C 28 -0.25 18.28 -5.45
CA SER C 28 -0.32 19.39 -4.50
C SER C 28 1.04 19.78 -3.91
N LEU C 29 1.92 18.80 -3.76
CA LEU C 29 3.21 19.02 -3.11
C LEU C 29 4.23 19.82 -3.92
N LYS C 30 3.90 20.13 -5.16
CA LYS C 30 4.79 20.95 -5.98
C LYS C 30 4.72 22.43 -5.59
N GLY C 31 3.50 22.92 -5.37
CA GLY C 31 3.27 24.30 -5.01
C GLY C 31 3.21 24.52 -3.51
N GLY D 2 -10.01 -21.47 4.71
CA GLY D 2 -10.62 -20.54 5.65
C GLY D 2 -9.76 -19.35 6.02
N GLU D 3 -8.57 -19.62 6.53
CA GLU D 3 -7.68 -18.56 7.01
C GLU D 3 -7.21 -17.58 5.92
N ILE D 4 -6.91 -18.10 4.73
CA ILE D 4 -6.51 -17.23 3.62
C ILE D 4 -7.61 -16.23 3.27
N ALA D 5 -8.84 -16.72 3.18
CA ALA D 5 -9.99 -15.87 2.89
C ALA D 5 -10.12 -14.81 3.96
N LYS D 6 -9.94 -15.21 5.21
CA LYS D 6 -10.02 -14.32 6.36
C LYS D 6 -8.97 -13.23 6.31
N SER D 7 -7.73 -13.61 6.04
CA SER D 7 -6.65 -12.64 5.93
C SER D 7 -6.93 -11.69 4.76
N LEU D 8 -7.36 -12.25 3.65
CA LEU D 8 -7.68 -11.45 2.48
C LEU D 8 -8.84 -10.51 2.78
N LYS D 9 -9.74 -10.96 3.64
CA LYS D 9 -10.87 -10.13 4.03
C LYS D 9 -10.39 -8.98 4.92
N GLU D 10 -9.42 -9.24 5.80
CA GLU D 10 -8.82 -8.20 6.63
C GLU D 10 -7.90 -7.27 5.82
N ILE D 11 -7.18 -7.83 4.86
CA ILE D 11 -6.36 -7.01 3.97
C ILE D 11 -7.27 -6.03 3.23
N ALA D 12 -8.38 -6.53 2.72
CA ALA D 12 -9.36 -5.69 2.04
C ALA D 12 -9.89 -4.57 2.94
N LYS D 13 -10.18 -4.88 4.20
CA LYS D 13 -10.70 -3.86 5.09
C LYS D 13 -9.65 -2.80 5.38
N SER D 14 -8.41 -3.24 5.60
CA SER D 14 -7.32 -2.32 5.85
C SER D 14 -7.08 -1.38 4.66
N LEU D 15 -7.13 -1.90 3.45
CA LEU D 15 -6.90 -1.04 2.28
C LEU D 15 -8.04 -0.02 2.08
N LYS D 16 -9.26 -0.39 2.46
CA LYS D 16 -10.37 0.57 2.45
C LYS D 16 -10.07 1.71 3.41
N GLU D 17 -9.52 1.37 4.57
CA GLU D 17 -9.14 2.39 5.55
C GLU D 17 -8.00 3.25 5.02
N ILE D 18 -7.00 2.62 4.43
CA ILE D 18 -5.88 3.33 3.84
C ILE D 18 -6.36 4.26 2.72
N ALA D 19 -7.25 3.77 1.86
CA ALA D 19 -7.84 4.61 0.81
C ALA D 19 -8.54 5.86 1.35
N TRP D 20 -9.35 5.67 2.39
CA TRP D 20 -10.10 6.77 3.01
C TRP D 20 -9.15 7.82 3.64
N SER D 21 -8.14 7.36 4.36
CA SER D 21 -7.14 8.24 4.96
C SER D 21 -6.35 9.04 3.92
N LEU D 22 -5.98 8.41 2.81
CA LEU D 22 -5.28 9.13 1.76
C LEU D 22 -6.17 10.20 1.11
N LYS D 23 -7.47 9.93 1.01
CA LYS D 23 -8.43 10.94 0.51
C LYS D 23 -8.44 12.16 1.42
N GLU D 24 -8.46 11.88 2.71
CA GLU D 24 -8.41 12.91 3.73
C GLU D 24 -7.12 13.71 3.64
N ILE D 25 -6.00 13.01 3.47
CA ILE D 25 -4.72 13.71 3.29
C ILE D 25 -4.73 14.54 2.02
N ALA D 26 -5.23 13.97 0.94
CA ALA D 26 -5.32 14.69 -0.34
C ALA D 26 -6.18 15.94 -0.16
N LYS D 27 -7.30 15.80 0.54
CA LYS D 27 -8.20 16.93 0.73
C LYS D 27 -7.52 18.03 1.51
N SER D 28 -6.77 17.62 2.53
CA SER D 28 -6.08 18.56 3.39
C SER D 28 -5.00 19.33 2.65
N LEU D 29 -4.34 18.69 1.68
CA LEU D 29 -3.24 19.36 1.02
C LEU D 29 -3.74 20.38 -0.01
N LYS D 30 -5.00 20.26 -0.41
CA LYS D 30 -5.61 21.26 -1.27
C LYS D 30 -6.15 22.41 -0.44
N GLY D 31 -6.88 22.07 0.62
CA GLY D 31 -7.52 23.02 1.51
C GLY D 31 -6.53 23.91 2.24
N GLY E 2 0.01 -23.39 3.82
CA GLY E 2 0.48 -23.08 5.16
C GLY E 2 1.31 -21.81 5.18
N GLU E 3 2.39 -21.79 4.41
CA GLU E 3 3.27 -20.63 4.34
C GLU E 3 2.54 -19.44 3.74
N ILE E 4 1.73 -19.71 2.74
CA ILE E 4 0.94 -18.66 2.10
C ILE E 4 0.02 -18.04 3.13
N ALA E 5 -0.60 -18.89 3.94
CA ALA E 5 -1.47 -18.43 5.01
C ALA E 5 -0.68 -17.57 5.97
N LYS E 6 0.52 -18.01 6.31
CA LYS E 6 1.34 -17.28 7.28
C LYS E 6 1.78 -15.90 6.78
N SER E 7 2.25 -15.86 5.55
CA SER E 7 2.68 -14.59 4.95
C SER E 7 1.53 -13.60 4.90
N LEU E 8 0.34 -14.10 4.58
CA LEU E 8 -0.83 -13.25 4.49
C LEU E 8 -1.23 -12.63 5.83
N LYS E 9 -1.06 -13.33 6.95
CA LYS E 9 -1.37 -12.69 8.22
C LYS E 9 -0.31 -11.65 8.56
N GLU E 10 0.93 -11.88 8.15
CA GLU E 10 1.96 -10.88 8.35
C GLU E 10 1.67 -9.66 7.49
N ILE E 11 1.25 -9.92 6.26
CA ILE E 11 0.85 -8.85 5.36
C ILE E 11 -0.34 -8.11 5.97
N ALA E 12 -1.31 -8.87 6.46
CA ALA E 12 -2.51 -8.31 7.10
C ALA E 12 -2.16 -7.41 8.29
N LYS E 13 -1.21 -7.86 9.10
CA LYS E 13 -0.80 -7.12 10.27
C LYS E 13 -0.07 -5.83 9.90
N SER E 14 0.80 -5.91 8.88
CA SER E 14 1.50 -4.72 8.42
C SER E 14 0.53 -3.68 7.89
N LEU E 15 -0.49 -4.12 7.19
CA LEU E 15 -1.49 -3.21 6.63
C LEU E 15 -2.33 -2.54 7.71
N LYS E 16 -2.59 -3.27 8.80
CA LYS E 16 -3.27 -2.67 9.94
C LYS E 16 -2.43 -1.54 10.50
N GLU E 17 -1.12 -1.77 10.60
CA GLU E 17 -0.19 -0.75 11.09
C GLU E 17 -0.08 0.44 10.13
N ILE E 18 0.00 0.14 8.84
CA ILE E 18 0.03 1.17 7.83
C ILE E 18 -1.27 1.99 7.88
N ALA E 19 -2.39 1.29 8.04
CA ALA E 19 -3.70 1.93 8.20
C ALA E 19 -3.71 2.89 9.39
N TRP E 20 -3.18 2.43 10.51
CA TRP E 20 -3.16 3.27 11.70
C TRP E 20 -2.28 4.50 11.51
N SER E 21 -1.09 4.30 10.96
CA SER E 21 -0.18 5.42 10.73
C SER E 21 -0.75 6.48 9.77
N LEU E 22 -1.37 6.04 8.69
CA LEU E 22 -1.96 6.99 7.75
C LEU E 22 -3.14 7.75 8.35
N LYS E 23 -3.92 7.11 9.23
CA LYS E 23 -4.96 7.86 9.96
C LYS E 23 -4.35 8.96 10.80
N GLU E 24 -3.28 8.62 11.51
CA GLU E 24 -2.61 9.61 12.33
C GLU E 24 -2.00 10.72 11.47
N ILE E 25 -1.43 10.36 10.33
CA ILE E 25 -0.87 11.37 9.46
C ILE E 25 -2.00 12.29 9.00
N ALA E 26 -3.11 11.68 8.61
CA ALA E 26 -4.31 12.41 8.16
C ALA E 26 -4.80 13.38 9.22
N LYS E 27 -4.84 12.89 10.45
CA LYS E 27 -5.37 13.69 11.56
C LYS E 27 -4.46 14.89 11.82
N SER E 28 -3.15 14.64 11.74
CA SER E 28 -2.15 15.68 11.99
C SER E 28 -2.12 16.78 10.92
N LEU E 29 -2.43 16.41 9.69
CA LEU E 29 -2.34 17.37 8.59
C LEU E 29 -3.51 18.35 8.64
N LYS E 30 -4.46 18.09 9.53
CA LYS E 30 -5.58 19.01 9.72
C LYS E 30 -5.13 20.22 10.52
N GLY E 31 -4.36 19.99 11.57
CA GLY E 31 -3.82 21.06 12.41
C GLY E 31 -4.83 22.06 12.94
N GLY F 2 5.63 -22.94 -4.98
CA GLY F 2 6.87 -22.44 -4.42
C GLY F 2 7.08 -20.95 -4.62
N GLU F 3 7.06 -20.52 -5.88
CA GLU F 3 7.31 -19.12 -6.24
C GLU F 3 6.31 -18.17 -5.61
N ILE F 4 5.06 -18.58 -5.56
CA ILE F 4 4.01 -17.78 -4.93
C ILE F 4 4.36 -17.52 -3.48
N ALA F 5 4.80 -18.56 -2.77
CA ALA F 5 5.20 -18.40 -1.38
C ALA F 5 6.37 -17.42 -1.24
N LYS F 6 7.37 -17.57 -2.10
CA LYS F 6 8.54 -16.68 -2.05
C LYS F 6 8.17 -15.24 -2.34
N SER F 7 7.31 -15.02 -3.34
CA SER F 7 6.86 -13.67 -3.62
C SER F 7 6.12 -13.09 -2.41
N LEU F 8 5.27 -13.90 -1.79
CA LEU F 8 4.50 -13.44 -0.63
C LEU F 8 5.41 -13.08 0.54
N LYS F 9 6.54 -13.79 0.69
CA LYS F 9 7.47 -13.44 1.76
C LYS F 9 8.18 -12.14 1.43
N GLU F 10 8.45 -11.90 0.17
CA GLU F 10 9.08 -10.65 -0.20
C GLU F 10 8.12 -9.51 -0.01
N ILE F 11 6.85 -9.77 -0.36
CA ILE F 11 5.79 -8.79 -0.17
C ILE F 11 5.62 -8.44 1.30
N ALA F 12 5.59 -9.47 2.15
CA ALA F 12 5.46 -9.25 3.58
C ALA F 12 6.59 -8.38 4.12
N LYS F 13 7.81 -8.62 3.65
CA LYS F 13 8.97 -7.88 4.12
C LYS F 13 8.98 -6.42 3.68
N SER F 14 8.59 -6.19 2.43
CA SER F 14 8.51 -4.82 1.95
C SER F 14 7.50 -4.04 2.79
N LEU F 15 6.40 -4.69 3.12
CA LEU F 15 5.34 -4.04 3.90
C LEU F 15 5.75 -3.67 5.32
N LYS F 16 6.58 -4.50 5.95
CA LYS F 16 7.14 -4.14 7.24
C LYS F 16 7.96 -2.88 7.12
N GLU F 17 8.74 -2.80 6.05
CA GLU F 17 9.57 -1.62 5.79
C GLU F 17 8.68 -0.39 5.60
N ILE F 18 7.62 -0.56 4.80
CA ILE F 18 6.66 0.52 4.55
C ILE F 18 5.94 0.94 5.85
N ALA F 19 5.54 -0.05 6.64
CA ALA F 19 4.93 0.24 7.94
C ALA F 19 5.87 1.07 8.81
N TRP F 20 7.14 0.69 8.85
CA TRP F 20 8.11 1.40 9.69
C TRP F 20 8.33 2.84 9.25
N SER F 21 8.52 3.05 7.95
CA SER F 21 8.70 4.39 7.42
C SER F 21 7.50 5.28 7.74
N LEU F 22 6.31 4.72 7.57
CA LEU F 22 5.11 5.49 7.88
C LEU F 22 5.03 5.82 9.37
N LYS F 23 5.52 4.92 10.24
CA LYS F 23 5.60 5.24 11.65
C LYS F 23 6.47 6.46 11.86
N GLU F 24 7.63 6.46 11.22
CA GLU F 24 8.55 7.58 11.33
C GLU F 24 7.94 8.86 10.78
N ILE F 25 7.24 8.74 9.67
CA ILE F 25 6.57 9.90 9.07
C ILE F 25 5.49 10.42 10.00
N ALA F 26 4.69 9.53 10.59
CA ALA F 26 3.66 9.99 11.52
C ALA F 26 4.32 10.75 12.66
N LYS F 27 5.42 10.22 13.18
CA LYS F 27 6.11 10.81 14.31
C LYS F 27 6.66 12.19 13.96
N SER F 28 7.22 12.33 12.76
CA SER F 28 7.78 13.60 12.32
C SER F 28 6.70 14.67 12.13
N LEU F 29 5.52 14.27 11.68
CA LEU F 29 4.46 15.25 11.41
C LEU F 29 3.72 15.70 12.68
N LYS F 30 3.88 14.98 13.77
CA LYS F 30 3.30 15.42 15.03
C LYS F 30 4.24 16.44 15.67
#